data_2HN7
#
_entry.id   2HN7
#
_cell.length_a   58.023
_cell.length_b   79.664
_cell.length_c   56.319
_cell.angle_alpha   90.00
_cell.angle_beta   116.40
_cell.angle_gamma   90.00
#
_symmetry.space_group_name_H-M   'P 1 21 1'
#
loop_
_entity.id
_entity.type
_entity.pdbx_description
1 polymer 'HLA class I histocompatibility antigen, A-11 alpha chain'
2 polymer Beta-2-microglobulin
3 polymer 'DNA polymerase PEPTIDE HOMOLOGUE'
4 non-polymer 'SULFATE ION'
5 water water
#
loop_
_entity_poly.entity_id
_entity_poly.type
_entity_poly.pdbx_seq_one_letter_code
_entity_poly.pdbx_strand_id
1 'polypeptide(L)'
;GSHSMRYFYTSVSRPGRGEPRFIAVGYVDDTQFVRFDSDAASQRMEPRAPWIEQEGPEYWDQETRNVKAQSQTDRVDLGT
LRGYYNQSEDGSHTIQIMYGCDVGPDGRFLRGYRQDAYDGKDYIALNEDLRSWTAADMAAQITKRKWEAAHAAEQQRAYL
EGRCVEWLRRYLENGKETLQRTDPPKTHMTHHPISDHEATLRCWALGFYPAEITLTWQRDGEDQTQDTELVETRPAGDGT
FQKWAAVVVPSGEEQRYTCHVQHEGLPKPLTLRWE
;
A
2 'polypeptide(L)'
;IQRTPKIQVYSRHPAENGKSNFLNCYVSGFHPSDIEVDLLKNGERIEKVEHSDLSFSKDWSFYLLYYTEFTPTEKDEYAC
RVNHVTLSQPKIVKWDRDM
;
B
3 'polypeptide(L)' AIMPARFYPK C
#
# COMPACT_ATOMS: atom_id res chain seq x y z
N GLY A 1 -11.64 16.45 3.03
CA GLY A 1 -12.82 16.06 2.26
C GLY A 1 -12.48 15.81 0.79
N SER A 2 -11.20 15.80 0.42
CA SER A 2 -10.83 15.34 -0.92
C SER A 2 -10.63 13.83 -0.91
N HIS A 3 -10.78 13.20 -2.07
CA HIS A 3 -10.84 11.76 -2.21
C HIS A 3 -10.20 11.35 -3.52
N SER A 4 -9.84 10.06 -3.55
CA SER A 4 -9.17 9.48 -4.69
C SER A 4 -9.69 8.06 -4.94
N MET A 5 -9.59 7.66 -6.19
CA MET A 5 -9.83 6.30 -6.61
C MET A 5 -8.60 5.86 -7.40
N ARG A 6 -8.11 4.67 -7.12
CA ARG A 6 -6.93 4.15 -7.76
C ARG A 6 -7.07 2.66 -8.00
N TYR A 7 -6.59 2.25 -9.16
CA TYR A 7 -6.39 0.84 -9.44
C TYR A 7 -4.90 0.57 -9.69
N PHE A 8 -4.49 -0.59 -9.23
CA PHE A 8 -3.12 -1.05 -9.28
C PHE A 8 -3.08 -2.44 -9.90
N TYR A 9 -2.29 -2.62 -10.94
CA TYR A 9 -2.16 -3.88 -11.66
C TYR A 9 -0.70 -4.33 -11.60
N THR A 10 -0.49 -5.59 -11.29
CA THR A 10 0.82 -6.23 -11.32
C THR A 10 0.75 -7.52 -12.14
N SER A 11 1.53 -7.62 -13.20
CA SER A 11 1.64 -8.78 -14.06
C SER A 11 3.06 -9.32 -14.05
N VAL A 12 3.25 -10.59 -13.73
CA VAL A 12 4.59 -11.16 -13.57
C VAL A 12 4.70 -12.41 -14.44
N SER A 13 5.59 -12.38 -15.44
CA SER A 13 5.70 -13.56 -16.31
C SER A 13 6.31 -14.74 -15.57
N ARG A 14 5.98 -15.95 -16.01
CA ARG A 14 6.44 -17.18 -15.41
C ARG A 14 6.83 -18.14 -16.56
N PRO A 15 7.96 -17.94 -17.16
CA PRO A 15 8.34 -18.75 -18.33
C PRO A 15 8.37 -20.25 -18.05
N GLY A 16 8.64 -20.69 -16.84
CA GLY A 16 8.74 -22.12 -16.56
C GLY A 16 7.43 -22.80 -16.94
N ARG A 17 6.31 -22.09 -16.79
CA ARG A 17 5.03 -22.57 -17.30
C ARG A 17 3.83 -21.66 -17.04
N GLY A 18 2.90 -21.50 -17.98
CA GLY A 18 1.66 -20.79 -18.01
C GLY A 18 1.67 -19.29 -18.19
N GLU A 19 0.49 -18.66 -18.11
CA GLU A 19 0.31 -17.22 -18.25
C GLU A 19 0.87 -16.47 -17.08
N PRO A 20 1.13 -15.19 -17.22
CA PRO A 20 1.63 -14.38 -16.10
C PRO A 20 0.67 -14.41 -14.92
N ARG A 21 1.26 -14.22 -13.74
CA ARG A 21 0.43 -14.01 -12.55
C ARG A 21 -0.06 -12.57 -12.56
N PHE A 22 -1.36 -12.39 -12.53
CA PHE A 22 -1.92 -11.05 -12.63
C PHE A 22 -2.76 -10.73 -11.41
N ILE A 23 -2.48 -9.61 -10.75
CA ILE A 23 -3.22 -9.19 -9.57
C ILE A 23 -3.62 -7.74 -9.73
N ALA A 24 -4.91 -7.49 -9.62
CA ALA A 24 -5.47 -6.16 -9.68
C ALA A 24 -6.19 -5.84 -8.38
N VAL A 25 -6.00 -4.62 -7.90
CA VAL A 25 -6.68 -4.15 -6.71
C VAL A 25 -7.19 -2.72 -6.94
N GLY A 26 -8.35 -2.46 -6.35
CA GLY A 26 -8.94 -1.13 -6.43
C GLY A 26 -9.10 -0.53 -5.04
N TYR A 27 -8.87 0.77 -4.93
CA TYR A 27 -8.94 1.54 -3.71
C TYR A 27 -9.77 2.81 -3.88
N VAL A 28 -10.49 3.12 -2.80
CA VAL A 28 -10.97 4.49 -2.61
C VAL A 28 -10.18 5.02 -1.41
N ASP A 29 -9.42 6.08 -1.60
CA ASP A 29 -8.52 6.54 -0.53
C ASP A 29 -7.68 5.36 -0.05
N ASP A 30 -7.68 5.08 1.26
CA ASP A 30 -6.87 4.01 1.80
C ASP A 30 -7.68 2.74 2.04
N THR A 31 -8.80 2.63 1.40
CA THR A 31 -9.70 1.48 1.57
C THR A 31 -9.76 0.63 0.31
N GLN A 32 -9.29 -0.63 0.38
CA GLN A 32 -9.42 -1.51 -0.76
C GLN A 32 -10.86 -1.93 -0.97
N PHE A 33 -11.37 -2.00 -2.22
CA PHE A 33 -12.77 -2.43 -2.38
C PHE A 33 -12.98 -3.54 -3.41
N VAL A 34 -12.03 -3.81 -4.29
CA VAL A 34 -12.13 -4.91 -5.24
C VAL A 34 -10.77 -5.56 -5.44
N ARG A 35 -10.80 -6.80 -5.93
CA ARG A 35 -9.57 -7.47 -6.34
C ARG A 35 -9.84 -8.43 -7.48
N PHE A 36 -8.80 -8.73 -8.24
CA PHE A 36 -8.82 -9.86 -9.16
C PHE A 36 -7.47 -10.54 -8.99
N ASP A 37 -7.46 -11.85 -8.89
CA ASP A 37 -6.19 -12.60 -8.94
C ASP A 37 -6.33 -13.71 -9.97
N SER A 38 -5.48 -13.74 -10.98
CA SER A 38 -5.59 -14.77 -12.02
C SER A 38 -5.47 -16.18 -11.46
N ASP A 39 -4.88 -16.32 -10.29
CA ASP A 39 -4.74 -17.67 -9.74
C ASP A 39 -5.81 -18.04 -8.74
N ALA A 40 -6.77 -17.16 -8.46
CA ALA A 40 -7.87 -17.52 -7.55
C ALA A 40 -8.95 -18.28 -8.30
N ALA A 41 -9.85 -18.88 -7.53
CA ALA A 41 -10.79 -19.80 -8.18
C ALA A 41 -11.91 -19.13 -8.92
N SER A 42 -12.31 -17.94 -8.49
CA SER A 42 -13.51 -17.37 -9.07
C SER A 42 -13.37 -16.95 -10.53
N GLN A 43 -12.20 -16.46 -10.90
CA GLN A 43 -11.98 -15.85 -12.19
C GLN A 43 -12.93 -14.68 -12.40
N ARG A 44 -13.25 -14.05 -11.29
CA ARG A 44 -14.12 -12.89 -11.27
C ARG A 44 -13.49 -11.72 -10.52
N MET A 45 -13.80 -10.49 -10.94
CA MET A 45 -13.54 -9.38 -10.01
C MET A 45 -14.39 -9.64 -8.75
N GLU A 46 -13.78 -9.48 -7.59
CA GLU A 46 -14.38 -9.81 -6.31
C GLU A 46 -14.47 -8.62 -5.36
N PRO A 47 -15.53 -8.56 -4.58
CA PRO A 47 -15.62 -7.49 -3.58
C PRO A 47 -14.67 -7.64 -2.41
N ARG A 48 -14.15 -6.51 -1.90
CA ARG A 48 -13.32 -6.56 -0.71
C ARG A 48 -13.74 -5.50 0.30
N ALA A 49 -14.90 -4.89 0.13
CA ALA A 49 -15.49 -3.92 1.02
C ALA A 49 -16.98 -4.18 1.10
N PRO A 50 -17.61 -4.10 2.26
CA PRO A 50 -19.06 -4.42 2.28
C PRO A 50 -19.88 -3.52 1.38
N TRP A 51 -19.54 -2.25 1.18
CA TRP A 51 -20.38 -1.30 0.46
C TRP A 51 -20.38 -1.51 -1.04
N ILE A 52 -19.42 -2.27 -1.59
CA ILE A 52 -19.47 -2.54 -3.02
C ILE A 52 -20.33 -3.78 -3.33
N GLU A 53 -20.62 -4.57 -2.27
CA GLU A 53 -21.33 -5.82 -2.52
C GLU A 53 -22.72 -5.55 -3.05
N GLN A 54 -23.29 -4.37 -2.82
CA GLN A 54 -24.63 -4.09 -3.37
C GLN A 54 -24.64 -3.89 -4.88
N GLU A 55 -23.50 -3.70 -5.56
CA GLU A 55 -23.61 -3.52 -7.01
C GLU A 55 -24.16 -4.80 -7.64
N GLY A 56 -24.91 -4.71 -8.72
CA GLY A 56 -25.58 -5.83 -9.37
C GLY A 56 -24.70 -6.65 -10.29
N PRO A 57 -25.23 -7.76 -10.82
CA PRO A 57 -24.46 -8.73 -11.61
C PRO A 57 -23.81 -8.10 -12.82
N GLU A 58 -24.56 -7.15 -13.37
CA GLU A 58 -24.09 -6.36 -14.50
C GLU A 58 -22.79 -5.65 -14.12
N TYR A 59 -22.69 -5.12 -12.91
CA TYR A 59 -21.43 -4.47 -12.52
C TYR A 59 -20.27 -5.45 -12.55
N TRP A 60 -20.46 -6.58 -11.86
CA TRP A 60 -19.39 -7.56 -11.74
C TRP A 60 -19.03 -8.15 -13.09
N ASP A 61 -20.03 -8.33 -13.97
CA ASP A 61 -19.76 -8.90 -15.28
C ASP A 61 -18.85 -7.98 -16.08
N GLN A 62 -19.17 -6.69 -16.07
CA GLN A 62 -18.40 -5.67 -16.78
C GLN A 62 -16.97 -5.57 -16.22
N GLU A 63 -16.85 -5.51 -14.89
CA GLU A 63 -15.53 -5.43 -14.27
C GLU A 63 -14.70 -6.67 -14.55
N THR A 64 -15.33 -7.86 -14.53
CA THR A 64 -14.62 -9.08 -14.82
C THR A 64 -14.15 -9.12 -16.28
N ARG A 65 -15.03 -8.76 -17.21
CA ARG A 65 -14.59 -8.74 -18.60
C ARG A 65 -13.37 -7.83 -18.83
N ASN A 66 -13.43 -6.63 -18.27
CA ASN A 66 -12.42 -5.59 -18.49
C ASN A 66 -11.14 -6.02 -17.81
N VAL A 67 -11.24 -6.64 -16.63
CA VAL A 67 -9.97 -6.93 -15.95
C VAL A 67 -9.31 -8.15 -16.56
N LYS A 68 -10.10 -9.08 -17.08
CA LYS A 68 -9.50 -10.22 -17.79
C LYS A 68 -8.85 -9.74 -19.08
N ALA A 69 -9.45 -8.79 -19.79
CA ALA A 69 -8.86 -8.20 -20.97
C ALA A 69 -7.52 -7.57 -20.63
N GLN A 70 -7.50 -6.82 -19.51
CA GLN A 70 -6.25 -6.19 -19.11
C GLN A 70 -5.17 -7.22 -18.82
N SER A 71 -5.51 -8.38 -18.24
CA SER A 71 -4.48 -9.38 -18.00
C SER A 71 -3.88 -9.87 -19.30
N GLN A 72 -4.72 -10.05 -20.33
CA GLN A 72 -4.20 -10.49 -21.62
C GLN A 72 -3.36 -9.41 -22.31
N THR A 73 -3.77 -8.16 -22.12
CA THR A 73 -2.98 -7.02 -22.61
C THR A 73 -1.60 -7.06 -22.00
N ASP A 74 -1.55 -7.26 -20.67
CA ASP A 74 -0.27 -7.26 -19.99
C ASP A 74 0.58 -8.45 -20.45
N ARG A 75 -0.04 -9.60 -20.70
CA ARG A 75 0.67 -10.74 -21.26
C ARG A 75 1.37 -10.41 -22.57
N VAL A 76 0.62 -9.82 -23.48
CA VAL A 76 1.14 -9.41 -24.78
C VAL A 76 2.26 -8.40 -24.57
N ASP A 77 2.03 -7.37 -23.72
CA ASP A 77 3.04 -6.31 -23.54
C ASP A 77 4.31 -6.82 -22.88
N LEU A 78 4.19 -7.80 -21.98
CA LEU A 78 5.40 -8.43 -21.40
C LEU A 78 6.27 -9.03 -22.50
N GLY A 79 5.67 -9.68 -23.50
CA GLY A 79 6.41 -10.22 -24.66
C GLY A 79 7.01 -9.13 -25.52
N THR A 80 6.26 -8.07 -25.77
CA THR A 80 6.84 -6.98 -26.55
C THR A 80 7.99 -6.32 -25.86
N LEU A 81 7.85 -6.05 -24.54
CA LEU A 81 8.95 -5.36 -23.85
C LEU A 81 10.19 -6.23 -23.70
N ARG A 82 10.00 -7.53 -23.51
CA ARG A 82 11.13 -8.45 -23.51
C ARG A 82 11.92 -8.25 -24.80
N GLY A 83 11.20 -8.13 -25.91
CA GLY A 83 11.94 -7.93 -27.16
C GLY A 83 12.57 -6.56 -27.26
N TYR A 84 11.91 -5.49 -26.86
CA TYR A 84 12.49 -4.17 -26.87
C TYR A 84 13.80 -4.13 -26.09
N TYR A 85 13.80 -4.87 -24.96
CA TYR A 85 14.99 -4.87 -24.12
C TYR A 85 15.97 -6.00 -24.45
N ASN A 86 15.70 -6.75 -25.49
CA ASN A 86 16.53 -7.85 -25.96
C ASN A 86 16.79 -8.86 -24.87
N GLN A 87 15.73 -9.19 -24.15
CA GLN A 87 15.85 -10.12 -23.03
C GLN A 87 15.48 -11.54 -23.43
N SER A 88 16.00 -12.52 -22.70
CA SER A 88 15.67 -13.91 -22.95
C SER A 88 14.27 -14.28 -22.48
N GLU A 89 13.74 -15.34 -23.08
CA GLU A 89 12.45 -15.91 -22.79
C GLU A 89 12.46 -16.64 -21.44
N ASP A 90 13.64 -16.73 -20.86
CA ASP A 90 13.84 -17.57 -19.70
C ASP A 90 13.53 -16.91 -18.37
N GLY A 91 13.60 -15.59 -18.33
CA GLY A 91 13.46 -14.94 -17.03
C GLY A 91 12.09 -14.35 -16.79
N SER A 92 11.85 -14.08 -15.52
CA SER A 92 10.61 -13.43 -15.10
C SER A 92 10.74 -11.91 -15.09
N HIS A 93 9.72 -11.24 -15.60
CA HIS A 93 9.64 -9.78 -15.67
C HIS A 93 8.28 -9.30 -15.21
N THR A 94 8.23 -8.02 -14.85
CA THR A 94 7.02 -7.47 -14.22
C THR A 94 6.57 -6.18 -14.93
N ILE A 95 5.30 -6.09 -15.27
CA ILE A 95 4.64 -4.82 -15.62
C ILE A 95 3.73 -4.41 -14.48
N GLN A 96 3.82 -3.13 -14.11
CA GLN A 96 2.93 -2.55 -13.14
C GLN A 96 2.24 -1.33 -13.78
N ILE A 97 0.98 -1.13 -13.46
CA ILE A 97 0.17 0.00 -13.88
C ILE A 97 -0.62 0.57 -12.70
N MET A 98 -0.59 1.89 -12.61
CA MET A 98 -1.46 2.58 -11.65
C MET A 98 -2.22 3.65 -12.42
N TYR A 99 -3.50 3.77 -12.13
CA TYR A 99 -4.25 4.91 -12.66
C TYR A 99 -5.39 5.27 -11.72
N GLY A 100 -5.93 6.45 -11.94
CA GLY A 100 -7.09 6.86 -11.16
C GLY A 100 -7.24 8.34 -11.08
N CYS A 101 -8.14 8.80 -10.21
CA CYS A 101 -8.54 10.20 -10.22
C CYS A 101 -8.65 10.72 -8.78
N ASP A 102 -8.46 12.01 -8.66
CA ASP A 102 -8.61 12.75 -7.41
C ASP A 102 -9.80 13.69 -7.60
N VAL A 103 -10.57 13.86 -6.55
CA VAL A 103 -11.60 14.89 -6.60
C VAL A 103 -11.52 15.72 -5.32
N GLY A 104 -12.05 16.94 -5.42
CA GLY A 104 -12.12 17.86 -4.32
C GLY A 104 -13.31 17.60 -3.43
N PRO A 105 -13.48 18.42 -2.39
CA PRO A 105 -14.57 18.25 -1.45
C PRO A 105 -15.92 18.48 -2.14
N ASP A 106 -15.86 19.22 -3.23
CA ASP A 106 -17.02 19.47 -4.06
C ASP A 106 -17.31 18.34 -5.01
N GLY A 107 -16.54 17.24 -5.02
CA GLY A 107 -16.88 16.13 -5.89
C GLY A 107 -16.34 16.26 -7.31
N ARG A 108 -15.68 17.37 -7.63
CA ARG A 108 -15.27 17.58 -9.02
C ARG A 108 -13.81 17.16 -9.22
N PHE A 109 -13.57 16.74 -10.46
CA PHE A 109 -12.23 16.34 -10.90
C PHE A 109 -11.16 17.33 -10.49
N LEU A 110 -10.09 16.84 -9.88
CA LEU A 110 -8.92 17.64 -9.57
C LEU A 110 -7.69 17.23 -10.39
N ARG A 111 -7.38 15.94 -10.40
CA ARG A 111 -6.23 15.38 -11.10
C ARG A 111 -6.48 13.94 -11.52
N GLY A 112 -5.83 13.55 -12.61
CA GLY A 112 -5.83 12.21 -13.10
C GLY A 112 -4.42 11.65 -13.27
N TYR A 113 -4.33 10.32 -13.20
CA TYR A 113 -3.06 9.63 -13.28
C TYR A 113 -3.14 8.37 -14.14
N ARG A 114 -2.08 8.13 -14.86
CA ARG A 114 -1.89 6.84 -15.52
C ARG A 114 -0.39 6.64 -15.67
N GLN A 115 0.19 5.63 -15.07
CA GLN A 115 1.62 5.40 -15.19
C GLN A 115 1.93 3.92 -15.06
N ASP A 116 3.01 3.60 -15.74
CA ASP A 116 3.40 2.23 -16.00
C ASP A 116 4.89 2.02 -15.75
N ALA A 117 5.21 0.83 -15.23
CA ALA A 117 6.57 0.43 -14.91
C ALA A 117 6.93 -0.87 -15.61
N TYR A 118 8.21 -1.12 -15.75
CA TYR A 118 8.74 -2.39 -16.19
C TYR A 118 9.92 -2.76 -15.27
N ASP A 119 9.86 -3.94 -14.66
CA ASP A 119 10.85 -4.44 -13.71
C ASP A 119 11.19 -3.39 -12.65
N GLY A 120 10.12 -2.70 -12.20
CA GLY A 120 10.27 -1.83 -11.06
C GLY A 120 10.79 -0.44 -11.32
N LYS A 121 10.94 -0.11 -12.59
CA LYS A 121 11.36 1.25 -12.95
C LYS A 121 10.33 1.89 -13.85
N ASP A 122 10.29 3.21 -13.84
CA ASP A 122 9.39 3.95 -14.70
C ASP A 122 9.55 3.50 -16.17
N TYR A 123 8.42 3.34 -16.83
CA TYR A 123 8.37 2.99 -18.27
C TYR A 123 7.76 4.17 -19.00
N ILE A 124 6.44 4.35 -18.87
CA ILE A 124 5.77 5.48 -19.49
C ILE A 124 4.71 6.00 -18.52
N ALA A 125 4.51 7.31 -18.54
CA ALA A 125 3.52 7.93 -17.66
C ALA A 125 2.80 9.03 -18.41
N LEU A 126 1.50 9.15 -18.13
CA LEU A 126 0.74 10.28 -18.66
C LEU A 126 1.04 11.50 -17.79
N ASN A 127 1.33 12.63 -18.41
CA ASN A 127 1.63 13.87 -17.69
C ASN A 127 0.35 14.48 -17.11
N GLU A 128 0.52 15.40 -16.17
CA GLU A 128 -0.64 15.96 -15.47
C GLU A 128 -1.62 16.62 -16.43
N ASP A 129 -1.16 17.16 -17.55
CA ASP A 129 -2.11 17.73 -18.48
C ASP A 129 -2.99 16.70 -19.17
N LEU A 130 -2.76 15.41 -18.99
CA LEU A 130 -3.49 14.32 -19.61
C LEU A 130 -3.49 14.40 -21.13
N ARG A 131 -2.46 15.07 -21.64
CA ARG A 131 -2.33 15.27 -23.09
C ARG A 131 -1.00 14.83 -23.66
N SER A 132 -0.03 14.49 -22.84
CA SER A 132 1.35 14.21 -23.24
C SER A 132 1.91 13.13 -22.36
N TRP A 133 2.93 12.45 -22.84
CA TRP A 133 3.52 11.30 -22.17
C TRP A 133 4.99 11.53 -21.86
N THR A 134 5.45 10.95 -20.78
CA THR A 134 6.88 10.88 -20.43
C THR A 134 7.37 9.44 -20.52
N ALA A 135 8.30 9.22 -21.43
CA ALA A 135 8.89 7.92 -21.72
C ALA A 135 10.31 7.90 -21.16
N ALA A 136 10.62 6.93 -20.30
CA ALA A 136 11.89 6.99 -19.56
C ALA A 136 13.12 6.63 -20.37
N ASP A 137 12.93 5.80 -21.40
CA ASP A 137 14.04 5.29 -22.21
C ASP A 137 13.60 5.02 -23.66
N MET A 138 14.53 4.47 -24.46
CA MET A 138 14.22 4.30 -25.89
C MET A 138 13.21 3.19 -26.16
N ALA A 139 13.05 2.26 -25.22
CA ALA A 139 11.97 1.28 -25.32
C ALA A 139 10.63 1.97 -25.17
N ALA A 140 10.49 2.73 -24.09
CA ALA A 140 9.22 3.42 -23.80
C ALA A 140 8.92 4.48 -24.85
N GLN A 141 9.97 5.01 -25.49
CA GLN A 141 9.74 5.95 -26.57
C GLN A 141 8.99 5.31 -27.74
N ILE A 142 9.28 4.04 -28.00
CA ILE A 142 8.52 3.30 -28.99
C ILE A 142 7.05 3.27 -28.64
N THR A 143 6.78 2.86 -27.39
CA THR A 143 5.40 2.89 -26.90
C THR A 143 4.76 4.25 -27.03
N LYS A 144 5.47 5.29 -26.64
CA LYS A 144 5.00 6.66 -26.70
C LYS A 144 4.55 7.02 -28.12
N ARG A 145 5.39 6.71 -29.12
CA ARG A 145 5.04 7.03 -30.50
C ARG A 145 3.78 6.28 -30.94
N LYS A 146 3.67 5.03 -30.51
CA LYS A 146 2.47 4.28 -30.88
C LYS A 146 1.22 4.82 -30.19
N TRP A 147 1.38 5.16 -28.90
CA TRP A 147 0.24 5.70 -28.16
C TRP A 147 -0.19 7.09 -28.62
N GLU A 148 0.76 7.91 -29.05
CA GLU A 148 0.39 9.19 -29.66
C GLU A 148 -0.33 9.01 -30.96
N ALA A 149 0.11 8.09 -31.83
CA ALA A 149 -0.57 7.93 -33.10
C ALA A 149 -1.96 7.33 -32.93
N ALA A 150 -2.15 6.54 -31.88
CA ALA A 150 -3.44 5.93 -31.57
C ALA A 150 -4.34 6.87 -30.78
N HIS A 151 -3.83 8.02 -30.38
CA HIS A 151 -4.56 8.96 -29.56
C HIS A 151 -5.00 8.36 -28.22
N ALA A 152 -4.11 7.60 -27.60
CA ALA A 152 -4.45 6.94 -26.35
C ALA A 152 -4.76 7.92 -25.24
N ALA A 153 -4.06 9.05 -25.22
CA ALA A 153 -4.21 10.00 -24.12
C ALA A 153 -5.62 10.57 -24.07
N GLU A 154 -6.18 10.86 -25.23
CA GLU A 154 -7.57 11.30 -25.29
C GLU A 154 -8.53 10.33 -24.62
N GLN A 155 -8.36 9.04 -24.89
CA GLN A 155 -9.24 8.04 -24.29
C GLN A 155 -9.02 7.90 -22.78
N GLN A 156 -7.76 8.04 -22.38
CA GLN A 156 -7.41 7.93 -20.96
C GLN A 156 -8.04 9.10 -20.22
N ARG A 157 -7.85 10.28 -20.81
CA ARG A 157 -8.38 11.52 -20.29
C ARG A 157 -9.88 11.45 -20.11
N ALA A 158 -10.58 10.96 -21.13
CA ALA A 158 -12.03 10.82 -21.04
C ALA A 158 -12.48 9.93 -19.90
N TYR A 159 -11.79 8.82 -19.68
CA TYR A 159 -12.08 8.00 -18.52
C TYR A 159 -11.77 8.74 -17.23
N LEU A 160 -10.59 9.34 -17.12
CA LEU A 160 -10.19 9.88 -15.82
C LEU A 160 -11.05 11.06 -15.39
N GLU A 161 -11.48 11.87 -16.36
CA GLU A 161 -12.32 13.02 -16.07
C GLU A 161 -13.80 12.67 -16.04
N GLY A 162 -14.11 11.48 -16.57
CA GLY A 162 -15.49 11.06 -16.74
C GLY A 162 -15.93 9.97 -15.79
N ARG A 163 -15.93 8.73 -16.30
CA ARG A 163 -16.38 7.63 -15.45
C ARG A 163 -15.59 7.50 -14.15
N CYS A 164 -14.30 7.81 -14.14
CA CYS A 164 -13.54 7.65 -12.88
C CYS A 164 -14.15 8.50 -11.77
N VAL A 165 -14.46 9.74 -12.10
CA VAL A 165 -15.03 10.71 -11.16
C VAL A 165 -16.46 10.32 -10.78
N GLU A 166 -17.22 9.85 -11.78
CA GLU A 166 -18.60 9.52 -11.55
C GLU A 166 -18.73 8.30 -10.64
N TRP A 167 -17.91 7.27 -10.89
CA TRP A 167 -17.98 6.12 -10.01
C TRP A 167 -17.38 6.39 -8.63
N LEU A 168 -16.31 7.17 -8.55
CA LEU A 168 -15.84 7.55 -7.22
C LEU A 168 -16.94 8.26 -6.43
N ARG A 169 -17.68 9.19 -7.03
CA ARG A 169 -18.81 9.82 -6.36
C ARG A 169 -19.84 8.82 -5.88
N ARG A 170 -20.24 7.87 -6.72
CA ARG A 170 -21.19 6.85 -6.33
C ARG A 170 -20.66 6.03 -5.16
N TYR A 171 -19.39 5.62 -5.20
CA TYR A 171 -18.88 4.83 -4.11
C TYR A 171 -18.82 5.64 -2.82
N LEU A 172 -18.43 6.92 -2.92
CA LEU A 172 -18.41 7.69 -1.67
C LEU A 172 -19.76 7.79 -0.99
N GLU A 173 -20.82 7.82 -1.80
CA GLU A 173 -22.17 7.87 -1.22
C GLU A 173 -22.56 6.52 -0.66
N ASN A 174 -22.39 5.45 -1.39
CA ASN A 174 -22.79 4.12 -1.00
C ASN A 174 -22.00 3.60 0.19
N GLY A 175 -20.73 4.01 0.28
CA GLY A 175 -19.91 3.68 1.42
C GLY A 175 -19.68 4.79 2.43
N LYS A 176 -20.51 5.83 2.47
CA LYS A 176 -20.18 7.05 3.19
C LYS A 176 -19.92 6.85 4.68
N GLU A 177 -20.54 5.87 5.31
CA GLU A 177 -20.39 5.71 6.75
C GLU A 177 -18.92 5.46 7.11
N THR A 178 -18.22 4.77 6.21
CA THR A 178 -16.81 4.52 6.44
C THR A 178 -15.93 5.42 5.58
N LEU A 179 -16.24 5.56 4.30
CA LEU A 179 -15.36 6.29 3.40
C LEU A 179 -15.30 7.78 3.69
N GLN A 180 -16.41 8.36 4.17
CA GLN A 180 -16.42 9.80 4.46
C GLN A 180 -16.28 10.10 5.95
N ARG A 181 -15.82 9.10 6.67
CA ARG A 181 -15.52 9.29 8.10
C ARG A 181 -14.04 9.55 8.27
N THR A 182 -13.66 10.45 9.17
CA THR A 182 -12.23 10.50 9.52
C THR A 182 -12.09 9.91 10.93
N ASP A 183 -11.08 9.06 11.16
CA ASP A 183 -10.91 8.56 12.53
C ASP A 183 -9.65 9.21 13.07
N PRO A 184 -9.70 10.13 14.02
CA PRO A 184 -8.46 10.77 14.47
C PRO A 184 -7.64 9.77 15.26
N PRO A 185 -6.33 9.99 15.36
CA PRO A 185 -5.48 9.07 16.10
C PRO A 185 -5.77 9.05 17.61
N LYS A 186 -5.76 7.85 18.17
CA LYS A 186 -5.75 7.57 19.59
C LYS A 186 -4.27 7.63 20.01
N THR A 187 -3.98 8.61 20.86
CA THR A 187 -2.58 8.90 21.15
C THR A 187 -2.25 8.70 22.64
N HIS A 188 -1.02 8.27 22.89
CA HIS A 188 -0.50 8.17 24.24
C HIS A 188 1.02 8.10 24.18
N MET A 189 1.64 8.32 25.33
CA MET A 189 3.08 8.32 25.40
C MET A 189 3.54 7.22 26.35
N THR A 190 4.66 6.60 26.03
CA THR A 190 5.31 5.64 26.95
C THR A 190 6.73 6.11 27.24
N HIS A 191 7.31 5.56 28.30
CA HIS A 191 8.61 5.94 28.84
C HIS A 191 9.44 4.70 29.18
N HIS A 192 10.65 4.63 28.65
CA HIS A 192 11.56 3.50 28.66
C HIS A 192 12.98 3.93 29.04
N PRO A 193 13.39 3.83 30.31
CA PRO A 193 14.80 4.02 30.69
C PRO A 193 15.80 3.25 29.84
N ILE A 194 16.87 3.90 29.44
CA ILE A 194 17.99 3.27 28.73
C ILE A 194 19.15 3.03 29.70
N SER A 195 19.28 3.89 30.68
CA SER A 195 20.33 3.92 31.68
C SER A 195 19.83 4.75 32.85
N ASP A 196 20.70 4.93 33.83
CA ASP A 196 20.34 5.74 34.97
C ASP A 196 20.12 7.19 34.56
N HIS A 197 20.64 7.57 33.40
CA HIS A 197 20.61 8.99 33.05
C HIS A 197 19.83 9.35 31.79
N GLU A 198 19.27 8.39 31.09
CA GLU A 198 18.61 8.64 29.80
C GLU A 198 17.38 7.72 29.71
N ALA A 199 16.40 8.20 28.98
CA ALA A 199 15.17 7.46 28.79
C ALA A 199 14.59 7.73 27.42
N THR A 200 13.85 6.77 26.89
CA THR A 200 13.15 6.91 25.64
C THR A 200 11.71 7.32 25.92
N LEU A 201 11.27 8.41 25.30
CA LEU A 201 9.85 8.74 25.22
C LEU A 201 9.28 8.31 23.87
N ARG A 202 8.20 7.55 23.84
CA ARG A 202 7.62 7.05 22.59
C ARG A 202 6.18 7.58 22.48
N CYS A 203 5.93 8.37 21.44
CA CYS A 203 4.61 8.93 21.13
C CYS A 203 3.86 8.05 20.14
N TRP A 204 2.75 7.46 20.54
CA TRP A 204 1.98 6.50 19.79
C TRP A 204 0.73 7.13 19.17
N ALA A 205 0.46 6.76 17.93
CA ALA A 205 -0.77 7.10 17.23
C ALA A 205 -1.39 5.80 16.68
N LEU A 206 -2.59 5.50 17.15
CA LEU A 206 -3.27 4.24 16.78
C LEU A 206 -4.68 4.48 16.29
N GLY A 207 -5.20 3.58 15.48
CA GLY A 207 -6.58 3.59 15.10
C GLY A 207 -7.02 4.72 14.20
N PHE A 208 -6.10 5.32 13.44
CA PHE A 208 -6.51 6.45 12.62
C PHE A 208 -6.73 6.06 11.16
N TYR A 209 -7.49 6.93 10.51
CA TYR A 209 -7.88 6.79 9.13
C TYR A 209 -8.24 8.19 8.62
N PRO A 210 -7.76 8.59 7.45
CA PRO A 210 -6.84 7.89 6.56
C PRO A 210 -5.41 7.79 7.11
N ALA A 211 -4.54 7.25 6.27
CA ALA A 211 -3.20 6.92 6.71
C ALA A 211 -2.28 8.12 6.88
N GLU A 212 -2.50 9.17 6.11
CA GLU A 212 -1.61 10.33 6.24
C GLU A 212 -1.64 10.89 7.65
N ILE A 213 -0.46 11.10 8.21
CA ILE A 213 -0.28 11.64 9.57
C ILE A 213 1.14 12.22 9.70
N THR A 214 1.30 13.14 10.65
CA THR A 214 2.58 13.72 10.99
C THR A 214 2.74 13.76 12.52
N LEU A 215 3.83 13.17 12.98
CA LEU A 215 4.26 13.19 14.37
C LEU A 215 5.59 13.94 14.42
N THR A 216 5.67 14.94 15.26
CA THR A 216 6.86 15.75 15.44
CA THR A 216 6.90 15.67 15.44
C THR A 216 7.17 15.95 16.91
N TRP A 217 8.44 15.94 17.28
CA TRP A 217 8.87 16.25 18.63
C TRP A 217 9.37 17.69 18.70
N GLN A 218 9.10 18.33 19.83
CA GLN A 218 9.77 19.61 20.14
C GLN A 218 10.44 19.53 21.51
N ARG A 219 11.48 20.30 21.73
CA ARG A 219 12.11 20.51 23.02
C ARG A 219 12.01 21.99 23.34
N ASP A 220 11.40 22.35 24.46
CA ASP A 220 11.22 23.73 24.85
C ASP A 220 10.65 24.56 23.71
N GLY A 221 9.70 23.93 23.00
CA GLY A 221 9.00 24.69 21.96
C GLY A 221 9.62 24.77 20.60
N GLU A 222 10.74 24.10 20.38
CA GLU A 222 11.37 24.17 19.06
C GLU A 222 11.52 22.77 18.49
N ASP A 223 11.38 22.57 17.19
CA ASP A 223 11.44 21.23 16.62
C ASP A 223 12.78 20.59 16.93
N GLN A 224 12.74 19.30 17.23
CA GLN A 224 13.88 18.47 17.50
C GLN A 224 13.86 17.22 16.64
N THR A 225 14.92 16.99 15.87
CA THR A 225 15.00 15.77 15.08
C THR A 225 16.15 14.87 15.56
N GLN A 226 17.19 15.48 16.12
CA GLN A 226 18.23 14.67 16.75
C GLN A 226 17.67 13.77 17.86
N ASP A 227 18.35 12.64 17.92
CA ASP A 227 18.00 11.63 18.92
C ASP A 227 16.56 11.18 18.80
N THR A 228 15.97 11.26 17.61
CA THR A 228 14.61 10.79 17.42
C THR A 228 14.61 9.57 16.50
N GLU A 229 13.55 8.80 16.55
CA GLU A 229 13.40 7.66 15.64
C GLU A 229 11.92 7.55 15.31
N LEU A 230 11.58 7.12 14.11
CA LEU A 230 10.15 6.89 13.87
C LEU A 230 9.96 5.68 12.99
N VAL A 231 8.80 5.05 13.07
CA VAL A 231 8.52 3.95 12.15
C VAL A 231 7.61 4.46 11.03
N GLU A 232 7.72 3.75 9.91
CA GLU A 232 6.78 4.04 8.83
C GLU A 232 5.36 3.69 9.26
N THR A 233 4.41 4.48 8.79
CA THR A 233 3.01 4.22 9.03
C THR A 233 2.65 2.83 8.53
N ARG A 234 1.89 2.10 9.36
CA ARG A 234 1.63 0.70 9.09
C ARG A 234 0.17 0.36 9.32
N PRO A 235 -0.35 -0.59 8.54
CA PRO A 235 -1.74 -0.98 8.67
C PRO A 235 -1.99 -1.84 9.90
N ALA A 236 -3.04 -1.53 10.63
CA ALA A 236 -3.44 -2.41 11.76
C ALA A 236 -4.09 -3.71 11.30
N GLY A 237 -4.68 -3.71 10.12
CA GLY A 237 -5.37 -4.85 9.54
C GLY A 237 -6.87 -4.78 9.70
N ASP A 238 -7.39 -3.75 10.37
CA ASP A 238 -8.82 -3.55 10.56
C ASP A 238 -9.35 -2.28 9.93
N GLY A 239 -8.59 -1.75 8.96
CA GLY A 239 -8.90 -0.55 8.22
C GLY A 239 -8.35 0.71 8.85
N THR A 240 -7.65 0.57 9.96
CA THR A 240 -6.95 1.71 10.51
C THR A 240 -5.43 1.56 10.43
N PHE A 241 -4.72 2.62 10.80
CA PHE A 241 -3.25 2.70 10.70
C PHE A 241 -2.63 3.06 12.05
N GLN A 242 -1.31 2.83 12.12
CA GLN A 242 -0.55 3.09 13.33
C GLN A 242 0.77 3.78 12.98
N LYS A 243 1.29 4.52 13.94
CA LYS A 243 2.62 5.12 13.79
C LYS A 243 3.15 5.46 15.17
N TRP A 244 4.47 5.51 15.34
CA TRP A 244 5.03 6.09 16.55
C TRP A 244 6.28 6.86 16.19
N ALA A 245 6.63 7.76 17.09
CA ALA A 245 7.85 8.57 17.05
C ALA A 245 8.45 8.61 18.45
N ALA A 246 9.76 8.48 18.53
CA ALA A 246 10.41 8.44 19.83
C ALA A 246 11.61 9.42 19.88
N VAL A 247 11.91 9.81 21.12
CA VAL A 247 13.05 10.69 21.36
C VAL A 247 13.76 10.21 22.64
N VAL A 248 15.09 10.29 22.66
CA VAL A 248 15.91 10.00 23.84
C VAL A 248 16.22 11.34 24.51
N VAL A 249 16.01 11.33 25.82
CA VAL A 249 16.06 12.52 26.64
C VAL A 249 16.82 12.25 27.94
N PRO A 250 17.44 13.28 28.50
CA PRO A 250 18.06 13.15 29.82
C PRO A 250 16.98 12.90 30.87
N SER A 251 17.16 11.86 31.69
CA SER A 251 16.21 11.55 32.76
C SER A 251 16.05 12.77 33.63
N GLY A 252 14.80 13.11 33.95
CA GLY A 252 14.50 14.32 34.68
C GLY A 252 14.04 15.49 33.85
N GLU A 253 14.30 15.44 32.54
CA GLU A 253 14.00 16.54 31.64
C GLU A 253 12.83 16.26 30.74
N GLU A 254 12.10 15.19 31.04
CA GLU A 254 10.99 14.76 30.20
C GLU A 254 10.00 15.88 29.93
N GLN A 255 9.73 16.77 30.87
CA GLN A 255 8.67 17.75 30.66
C GLN A 255 9.03 18.81 29.62
N ARG A 256 10.29 18.89 29.16
CA ARG A 256 10.62 19.81 28.11
C ARG A 256 10.15 19.37 26.73
N TYR A 257 9.79 18.10 26.60
CA TYR A 257 9.52 17.46 25.31
C TYR A 257 8.02 17.29 25.08
N THR A 258 7.63 17.69 23.86
CA THR A 258 6.26 17.55 23.43
C THR A 258 6.18 16.86 22.06
N CYS A 259 5.19 15.98 21.97
CA CYS A 259 4.86 15.36 20.71
C CYS A 259 3.67 16.04 20.07
N HIS A 260 3.78 16.42 18.81
CA HIS A 260 2.74 17.14 18.10
C HIS A 260 2.17 16.25 17.01
N VAL A 261 0.86 16.09 16.95
CA VAL A 261 0.21 15.16 16.05
C VAL A 261 -0.71 15.91 15.12
N GLN A 262 -0.49 15.76 13.82
CA GLN A 262 -1.35 16.34 12.79
C GLN A 262 -2.06 15.23 12.03
N HIS A 263 -3.37 15.34 11.89
CA HIS A 263 -4.20 14.39 11.15
C HIS A 263 -5.48 15.07 10.68
N GLU A 264 -6.01 14.67 9.52
CA GLU A 264 -7.19 15.31 8.93
C GLU A 264 -8.42 15.32 9.82
N GLY A 265 -8.51 14.34 10.69
CA GLY A 265 -9.45 14.04 11.73
C GLY A 265 -9.38 14.94 12.96
N LEU A 266 -8.28 15.66 13.08
CA LEU A 266 -8.06 16.61 14.16
C LEU A 266 -8.24 18.06 13.72
N PRO A 267 -9.18 18.77 14.29
CA PRO A 267 -9.39 20.14 13.83
C PRO A 267 -8.24 21.04 14.24
N LYS A 268 -7.56 20.69 15.33
CA LYS A 268 -6.35 21.31 15.81
C LYS A 268 -5.36 20.18 16.18
N PRO A 269 -4.11 20.37 15.81
CA PRO A 269 -3.10 19.36 16.19
C PRO A 269 -3.12 19.15 17.69
N LEU A 270 -2.80 17.93 18.08
CA LEU A 270 -2.71 17.56 19.47
C LEU A 270 -1.29 17.70 19.98
N THR A 271 -1.17 18.00 21.26
CA THR A 271 0.14 18.06 21.92
C THR A 271 0.17 17.10 23.09
N LEU A 272 1.13 16.19 23.18
CA LEU A 272 1.28 15.30 24.31
C LEU A 272 2.59 15.60 25.05
N ARG A 273 2.58 15.38 26.35
CA ARG A 273 3.72 15.62 27.21
C ARG A 273 3.73 14.54 28.29
N TRP A 274 4.89 14.05 28.67
CA TRP A 274 5.05 13.07 29.73
C TRP A 274 4.83 13.80 31.05
N ILE B 1 15.11 -3.74 -11.60
CA ILE B 1 15.73 -3.37 -10.32
C ILE B 1 15.27 -4.29 -9.21
N GLN B 2 16.12 -4.56 -8.22
CA GLN B 2 15.69 -5.32 -7.04
C GLN B 2 15.79 -4.45 -5.79
N ARG B 3 14.86 -4.63 -4.87
CA ARG B 3 14.85 -3.86 -3.62
C ARG B 3 14.58 -4.80 -2.44
N THR B 4 15.31 -4.63 -1.35
CA THR B 4 15.19 -5.53 -0.20
C THR B 4 13.98 -5.17 0.66
N PRO B 5 13.27 -6.17 1.17
CA PRO B 5 12.14 -5.82 2.02
C PRO B 5 12.51 -5.12 3.33
N LYS B 6 11.68 -4.17 3.71
CA LYS B 6 11.59 -3.65 5.07
C LYS B 6 10.51 -4.45 5.80
N ILE B 7 10.67 -4.71 7.08
CA ILE B 7 9.79 -5.53 7.90
C ILE B 7 9.43 -4.86 9.21
N GLN B 8 8.14 -4.82 9.57
CA GLN B 8 7.69 -4.47 10.89
C GLN B 8 6.81 -5.60 11.40
N VAL B 9 7.01 -5.99 12.65
CA VAL B 9 6.25 -7.01 13.34
C VAL B 9 5.58 -6.36 14.57
N TYR B 10 4.28 -6.49 14.68
CA TYR B 10 3.50 -5.73 15.67
C TYR B 10 2.11 -6.34 15.82
N SER B 11 1.40 -5.90 16.86
CA SER B 11 0.03 -6.33 17.05
C SER B 11 -0.99 -5.29 16.58
N ARG B 12 -2.16 -5.80 16.21
CA ARG B 12 -3.26 -4.98 15.75
C ARG B 12 -3.77 -4.07 16.87
N HIS B 13 -3.89 -4.63 18.06
CA HIS B 13 -4.39 -4.02 19.27
C HIS B 13 -3.29 -3.98 20.32
N PRO B 14 -3.40 -3.09 21.29
CA PRO B 14 -2.46 -3.09 22.41
C PRO B 14 -2.34 -4.49 23.01
N ALA B 15 -1.11 -4.95 23.18
CA ALA B 15 -0.89 -6.34 23.60
C ALA B 15 -1.09 -6.51 25.10
N GLU B 16 -1.94 -7.46 25.48
CA GLU B 16 -2.14 -7.77 26.89
C GLU B 16 -2.13 -9.28 27.04
N ASN B 17 -1.36 -9.81 27.96
CA ASN B 17 -1.38 -11.28 28.11
C ASN B 17 -2.77 -11.82 28.36
N GLY B 18 -3.10 -12.92 27.70
CA GLY B 18 -4.38 -13.56 27.84
C GLY B 18 -5.50 -13.00 26.99
N LYS B 19 -5.27 -11.86 26.31
CA LYS B 19 -6.33 -11.32 25.48
C LYS B 19 -6.03 -11.54 24.00
N SER B 20 -6.96 -12.14 23.29
CA SER B 20 -6.90 -12.38 21.86
C SER B 20 -6.58 -11.13 21.06
N ASN B 21 -5.81 -11.26 19.99
CA ASN B 21 -5.26 -10.12 19.25
C ASN B 21 -4.86 -10.61 17.87
N PHE B 22 -4.25 -9.76 17.04
CA PHE B 22 -3.74 -10.23 15.74
C PHE B 22 -2.26 -9.84 15.70
N LEU B 23 -1.44 -10.80 15.23
CA LEU B 23 -0.04 -10.59 15.00
C LEU B 23 0.16 -10.28 13.52
N ASN B 24 0.80 -9.16 13.27
CA ASN B 24 1.07 -8.61 11.95
C ASN B 24 2.56 -8.62 11.61
N CYS B 25 2.83 -8.93 10.35
CA CYS B 25 4.13 -8.75 9.74
C CYS B 25 3.92 -7.95 8.45
N TYR B 26 4.33 -6.69 8.49
CA TYR B 26 4.18 -5.75 7.38
C TYR B 26 5.50 -5.69 6.62
N VAL B 27 5.45 -6.15 5.37
CA VAL B 27 6.65 -6.22 4.53
C VAL B 27 6.44 -5.24 3.39
N SER B 28 7.41 -4.36 3.18
CA SER B 28 7.28 -3.30 2.20
C SER B 28 8.59 -2.94 1.55
N GLY B 29 8.50 -2.09 0.54
CA GLY B 29 9.62 -1.57 -0.18
C GLY B 29 10.37 -2.61 -0.98
N PHE B 30 9.78 -3.74 -1.35
CA PHE B 30 10.58 -4.78 -2.02
C PHE B 30 10.23 -4.93 -3.50
N HIS B 31 11.16 -5.53 -4.22
CA HIS B 31 10.96 -5.82 -5.63
C HIS B 31 11.96 -6.88 -6.04
N PRO B 32 11.61 -7.93 -6.75
CA PRO B 32 10.29 -8.19 -7.29
C PRO B 32 9.31 -8.71 -6.24
N SER B 33 8.11 -9.10 -6.69
CA SER B 33 7.03 -9.36 -5.74
C SER B 33 7.08 -10.77 -5.12
N ASP B 34 7.75 -11.71 -5.76
CA ASP B 34 7.88 -13.03 -5.15
C ASP B 34 8.56 -12.87 -3.80
N ILE B 35 7.88 -13.34 -2.77
CA ILE B 35 8.42 -13.29 -1.41
C ILE B 35 7.81 -14.40 -0.55
N GLU B 36 8.58 -14.81 0.45
CA GLU B 36 8.14 -15.82 1.40
C GLU B 36 8.05 -15.20 2.78
N VAL B 37 6.86 -15.22 3.38
CA VAL B 37 6.73 -14.70 4.74
C VAL B 37 6.02 -15.73 5.62
N ASP B 38 6.66 -16.06 6.73
CA ASP B 38 6.12 -16.89 7.79
C ASP B 38 6.03 -16.16 9.12
N LEU B 39 4.97 -16.49 9.87
CA LEU B 39 4.86 -16.08 11.27
C LEU B 39 5.29 -17.26 12.13
N LEU B 40 6.11 -16.98 13.14
CA LEU B 40 6.64 -18.03 13.99
C LEU B 40 6.16 -17.92 15.43
N LYS B 41 5.88 -19.07 16.02
CA LYS B 41 5.55 -19.18 17.43
C LYS B 41 6.63 -20.06 18.07
N ASN B 42 7.46 -19.49 18.93
CA ASN B 42 8.55 -20.25 19.53
C ASN B 42 9.40 -20.99 18.48
N GLY B 43 9.63 -20.34 17.33
CA GLY B 43 10.43 -20.81 16.24
C GLY B 43 9.73 -21.70 15.23
N GLU B 44 8.47 -22.04 15.51
CA GLU B 44 7.71 -22.92 14.64
C GLU B 44 6.71 -22.15 13.77
N ARG B 45 6.66 -22.42 12.48
CA ARG B 45 5.71 -21.82 11.57
C ARG B 45 4.28 -22.00 12.00
N ILE B 46 3.52 -20.92 11.98
CA ILE B 46 2.09 -20.92 12.24
C ILE B 46 1.33 -21.27 10.97
N GLU B 47 0.41 -22.23 11.06
CA GLU B 47 -0.28 -22.63 9.85
C GLU B 47 -1.39 -21.66 9.47
N LYS B 48 -2.09 -21.04 10.41
CA LYS B 48 -3.15 -20.21 9.82
C LYS B 48 -2.60 -18.80 9.62
N VAL B 49 -2.20 -18.45 8.40
CA VAL B 49 -1.66 -17.10 8.16
C VAL B 49 -2.20 -16.59 6.83
N GLU B 50 -2.81 -15.41 6.88
CA GLU B 50 -3.39 -14.82 5.68
C GLU B 50 -2.58 -13.59 5.30
N HIS B 51 -2.80 -13.10 4.10
CA HIS B 51 -2.11 -11.86 3.73
C HIS B 51 -3.03 -11.04 2.84
N SER B 52 -2.71 -9.75 2.83
CA SER B 52 -3.38 -8.78 1.98
C SER B 52 -3.08 -9.02 0.50
N ASP B 53 -3.93 -8.42 -0.36
CA ASP B 53 -3.72 -8.51 -1.80
C ASP B 53 -2.55 -7.61 -2.22
N LEU B 54 -1.67 -8.12 -3.06
CA LEU B 54 -0.49 -7.39 -3.47
C LEU B 54 -0.80 -6.01 -4.02
N SER B 55 -0.15 -5.00 -3.48
CA SER B 55 -0.21 -3.65 -4.00
C SER B 55 1.17 -3.05 -3.97
N PHE B 56 1.27 -1.79 -4.41
CA PHE B 56 2.57 -1.14 -4.45
C PHE B 56 2.47 0.36 -4.27
N SER B 57 3.63 0.93 -3.95
CA SER B 57 3.80 2.33 -3.64
C SER B 57 4.18 3.12 -4.88
N LYS B 58 4.31 4.43 -4.67
CA LYS B 58 4.57 5.37 -5.76
C LYS B 58 5.84 5.00 -6.52
N ASP B 59 6.82 4.49 -5.76
CA ASP B 59 8.12 4.10 -6.33
C ASP B 59 8.07 2.68 -6.90
N TRP B 60 6.93 2.06 -7.05
CA TRP B 60 6.69 0.74 -7.61
C TRP B 60 7.09 -0.40 -6.68
N SER B 61 7.64 -0.15 -5.50
CA SER B 61 7.95 -1.23 -4.58
C SER B 61 6.66 -1.75 -3.92
N PHE B 62 6.64 -3.05 -3.68
CA PHE B 62 5.47 -3.79 -3.23
C PHE B 62 5.35 -3.76 -1.71
N TYR B 63 4.12 -3.98 -1.23
CA TYR B 63 3.88 -4.17 0.20
C TYR B 63 2.76 -5.17 0.39
N LEU B 64 2.91 -5.94 1.47
CA LEU B 64 1.99 -6.95 1.90
C LEU B 64 1.87 -6.94 3.44
N LEU B 65 0.67 -7.23 3.93
CA LEU B 65 0.46 -7.50 5.34
C LEU B 65 0.10 -8.97 5.55
N TYR B 66 0.91 -9.63 6.36
CA TYR B 66 0.66 -11.00 6.76
C TYR B 66 0.17 -11.00 8.20
N TYR B 67 -0.82 -11.87 8.49
CA TYR B 67 -1.38 -11.75 9.85
C TYR B 67 -2.04 -13.02 10.32
N THR B 68 -2.12 -13.17 11.63
CA THR B 68 -2.73 -14.36 12.25
C THR B 68 -3.32 -13.97 13.61
N GLU B 69 -4.38 -14.67 14.02
CA GLU B 69 -4.96 -14.42 15.33
C GLU B 69 -4.00 -15.02 16.35
N PHE B 70 -3.73 -14.34 17.45
CA PHE B 70 -2.90 -14.93 18.50
C PHE B 70 -3.34 -14.37 19.86
N THR B 71 -2.96 -15.12 20.89
CA THR B 71 -3.19 -14.67 22.27
C THR B 71 -1.83 -14.49 22.94
N PRO B 72 -1.33 -13.28 23.12
CA PRO B 72 0.00 -13.14 23.72
C PRO B 72 0.02 -13.68 25.16
N THR B 73 1.18 -14.19 25.52
CA THR B 73 1.46 -14.72 26.85
C THR B 73 2.80 -14.15 27.30
N GLU B 74 3.12 -14.31 28.59
CA GLU B 74 4.44 -13.86 29.02
C GLU B 74 5.60 -14.68 28.45
N LYS B 75 5.35 -15.97 28.18
CA LYS B 75 6.47 -16.83 27.81
C LYS B 75 6.63 -17.04 26.32
N ASP B 76 5.54 -17.01 25.58
CA ASP B 76 5.56 -17.32 24.15
C ASP B 76 6.27 -16.20 23.38
N GLU B 77 7.13 -16.62 22.45
CA GLU B 77 7.87 -15.66 21.65
C GLU B 77 7.34 -15.67 20.21
N TYR B 78 7.13 -14.53 19.59
CA TYR B 78 6.64 -14.51 18.21
C TYR B 78 7.62 -13.80 17.30
N ALA B 79 7.60 -14.16 16.01
CA ALA B 79 8.49 -13.49 15.07
C ALA B 79 7.93 -13.64 13.66
N CYS B 80 8.52 -12.88 12.77
CA CYS B 80 8.30 -13.00 11.34
C CYS B 80 9.60 -13.36 10.62
N ARG B 81 9.50 -14.29 9.69
CA ARG B 81 10.61 -14.80 8.93
C ARG B 81 10.38 -14.54 7.43
N VAL B 82 11.26 -13.74 6.84
CA VAL B 82 11.12 -13.35 5.44
C VAL B 82 12.25 -13.89 4.58
N ASN B 83 11.90 -14.44 3.41
CA ASN B 83 12.91 -14.70 2.38
C ASN B 83 12.51 -14.03 1.06
N HIS B 84 13.54 -13.60 0.35
CA HIS B 84 13.39 -12.80 -0.85
C HIS B 84 14.68 -12.93 -1.66
N VAL B 85 14.61 -12.70 -2.96
CA VAL B 85 15.80 -12.90 -3.77
C VAL B 85 16.98 -12.04 -3.29
N THR B 86 16.69 -10.90 -2.70
CA THR B 86 17.69 -9.96 -2.25
C THR B 86 18.34 -10.32 -0.93
N LEU B 87 17.86 -11.36 -0.27
CA LEU B 87 18.42 -11.76 1.03
C LEU B 87 19.23 -13.05 0.91
N SER B 88 20.42 -13.03 1.51
CA SER B 88 21.32 -14.17 1.55
C SER B 88 20.73 -15.38 2.30
N GLN B 89 20.07 -15.08 3.39
CA GLN B 89 19.43 -16.07 4.26
C GLN B 89 18.10 -15.48 4.71
N PRO B 90 17.17 -16.27 5.21
CA PRO B 90 15.94 -15.66 5.73
C PRO B 90 16.21 -14.67 6.85
N LYS B 91 15.44 -13.59 6.84
CA LYS B 91 15.54 -12.52 7.83
C LYS B 91 14.45 -12.73 8.87
N ILE B 92 14.85 -12.76 10.12
CA ILE B 92 13.88 -12.96 11.17
C ILE B 92 13.81 -11.73 12.06
N VAL B 93 12.61 -11.23 12.29
CA VAL B 93 12.38 -10.08 13.14
C VAL B 93 11.44 -10.52 14.26
N LYS B 94 11.89 -10.32 15.50
CA LYS B 94 11.16 -10.72 16.69
C LYS B 94 10.07 -9.69 16.98
N TRP B 95 8.94 -10.22 17.47
CA TRP B 95 7.89 -9.33 17.95
C TRP B 95 8.31 -8.71 19.27
N ASP B 96 8.37 -7.39 19.34
CA ASP B 96 8.57 -6.66 20.59
C ASP B 96 7.35 -5.80 20.89
N ARG B 97 6.57 -6.07 21.96
CA ARG B 97 5.33 -5.32 22.15
C ARG B 97 5.57 -3.83 22.43
N ASP B 98 6.82 -3.40 22.62
CA ASP B 98 7.07 -1.97 22.81
C ASP B 98 7.19 -1.24 21.48
N MET B 99 7.00 -1.95 20.37
CA MET B 99 7.42 -1.36 19.10
C MET B 99 6.41 -1.48 17.95
N ALA C 1 -15.15 1.85 -10.91
CA ALA C 1 -15.13 1.00 -12.12
C ALA C 1 -13.86 1.30 -12.93
N ILE C 2 -13.39 0.20 -13.52
CA ILE C 2 -12.10 0.22 -14.19
C ILE C 2 -12.20 0.80 -15.59
N MET C 3 -11.01 1.06 -16.12
CA MET C 3 -11.01 1.64 -17.45
C MET C 3 -11.61 0.67 -18.46
N PRO C 4 -12.25 1.23 -19.48
CA PRO C 4 -12.79 0.45 -20.58
C PRO C 4 -11.70 -0.41 -21.21
N ALA C 5 -12.11 -1.60 -21.63
CA ALA C 5 -11.29 -2.51 -22.41
C ALA C 5 -11.04 -1.90 -23.80
N ARG C 6 -9.84 -1.38 -24.04
CA ARG C 6 -9.42 -0.92 -25.34
C ARG C 6 -7.90 -1.06 -25.43
N PHE C 7 -7.45 -1.94 -26.30
CA PHE C 7 -6.06 -2.34 -26.46
C PHE C 7 -5.22 -1.36 -27.28
N TYR C 8 -4.27 -0.75 -26.62
CA TYR C 8 -3.23 0.11 -27.15
C TYR C 8 -1.91 -0.64 -26.88
N PRO C 9 -1.49 -1.47 -27.83
CA PRO C 9 -0.29 -2.25 -27.58
C PRO C 9 0.88 -1.31 -27.28
N LYS C 10 1.65 -1.76 -26.30
CA LYS C 10 2.94 -1.11 -26.04
C LYS C 10 3.93 -1.44 -27.15
#